data_5L2X
#
_entry.id   5L2X
#
_cell.length_a   50.723
_cell.length_b   65.212
_cell.length_c   72.463
_cell.angle_alpha   67.89
_cell.angle_beta   85.22
_cell.angle_gamma   86.65
#
_symmetry.space_group_name_H-M   'P 1'
#
loop_
_entity.id
_entity.type
_entity.pdbx_description
1 polymer 'DNA-directed primase/polymerase protein'
2 polymer "DNA (5'-D(P*TP*CP*GP*CP*(5IU)P*AP*CP*C)-3')"
3 polymer "DNA (5'-D(P*GP*GP*TP*AP*GP*CP*(DDG))-3')"
4 non-polymer "2'-DEOXYADENOSINE 5'-TRIPHOSPHATE"
5 non-polymer 'CALCIUM ION'
6 water water
#
loop_
_entity_poly.entity_id
_entity_poly.type
_entity_poly.pdbx_seq_one_letter_code
_entity_poly.pdbx_strand_id
1 'polypeptide(L)'
;MNRKWEAKLKQIEERASHYERKPLSSVYRPRLSKPEEPPSIWRLFHRQAQAFNFVKSCKEDVHVFALECKVGDGQRIYLV
TTYAEFWFYYKSRKNLLHCYEVIPENAVCKLYFDLEFNKPANPGADGKKMVALLIEYVCKALQELYGVNCSAEDVLNLDS
STDEKFSRHLIFQLHDVAFKDNIHVGNFLRKILQPALDLLGSEDDDSAPETTGHGFPHFSEAPARQGFSFNKMFTEKATE
ESWTSNSKKLERLGSAEQSSPDLSFLVVKNNMGEKHLFVDLGVYTRNRNFRLYKSSKIGKRVALEVTEDNKFFPIQSKDV
SDEYQYFLSSLVSNVRFSDTLRILTCEPSQNKQ
;
A,B
2 'polydeoxyribonucleotide' (DC)(DA)(DT)(DC)(DG)(DC)(5IU)(DA)(DC)(DC)(DA)(DC)(DA)(DC)(DC)(DC)(DC) C,G
3 'polydeoxyribonucleotide' (DG)(DG)(DG)(DT)(DG)(DT)(DG)(DG)(DT)(DA)(DG)(DC)(DDG) D,H
#
loop_
_chem_comp.id
_chem_comp.type
_chem_comp.name
_chem_comp.formula
5IU DNA linking 5-IODO-2'-DEOXYURIDINE-5'-MONOPHOSPHATE 'C9 H12 I N2 O8 P'
CA non-polymer 'CALCIUM ION' 'Ca 2'
DA DNA linking 2'-DEOXYADENOSINE-5'-MONOPHOSPHATE 'C10 H14 N5 O6 P'
DC DNA linking 2'-DEOXYCYTIDINE-5'-MONOPHOSPHATE 'C9 H14 N3 O7 P'
DDG DNA linking 2',3'-DIDEOXY-GUANOSINE-5'-MONOPHOSPHATE 'C10 H14 N5 O6 P'
DG DNA linking 2'-DEOXYGUANOSINE-5'-MONOPHOSPHATE 'C10 H14 N5 O7 P'
DT DNA linking THYMIDINE-5'-MONOPHOSPHATE 'C10 H15 N2 O8 P'
DTP non-polymer '2'-DEOXYADENOSINE 5'-TRIPHOSPHATE' 'C10 H16 N5 O12 P3'
#
# COMPACT_ATOMS: atom_id res chain seq x y z
N MET A 1 11.67 11.43 7.86
CA MET A 1 12.68 11.72 8.89
C MET A 1 12.80 13.23 9.14
N ASN A 2 13.02 13.99 8.06
CA ASN A 2 12.95 15.45 8.15
C ASN A 2 11.67 15.88 8.86
N ARG A 3 10.53 15.32 8.45
CA ARG A 3 9.25 15.60 9.11
C ARG A 3 9.29 15.20 10.57
N LYS A 4 9.88 14.04 10.88
CA LYS A 4 10.00 13.64 12.28
C LYS A 4 10.81 14.66 13.07
N TRP A 5 11.81 15.28 12.44
CA TRP A 5 12.67 16.24 13.14
C TRP A 5 11.94 17.54 13.42
N GLU A 6 11.30 18.14 12.40
CA GLU A 6 10.65 19.43 12.62
C GLU A 6 9.45 19.29 13.55
N ALA A 7 8.72 18.18 13.44
CA ALA A 7 7.54 17.98 14.29
C ALA A 7 7.93 17.92 15.76
N LYS A 8 8.98 17.16 16.08
CA LYS A 8 9.43 17.10 17.47
C LYS A 8 10.07 18.41 17.91
N LEU A 9 10.67 19.15 17.00
CA LEU A 9 11.25 20.43 17.38
C LEU A 9 10.17 21.47 17.68
N LYS A 10 8.99 21.33 17.05
CA LYS A 10 7.87 22.18 17.44
C LYS A 10 7.39 21.82 18.83
N GLN A 11 7.37 20.53 19.17
CA GLN A 11 7.03 20.12 20.53
C GLN A 11 8.07 20.61 21.53
N ILE A 12 9.34 20.69 21.12
CA ILE A 12 10.34 21.31 21.97
C ILE A 12 10.07 22.80 22.10
N GLU A 13 9.62 23.45 21.02
CA GLU A 13 9.18 24.83 21.13
C GLU A 13 8.00 24.97 22.09
N GLU A 14 7.10 23.98 22.09
CA GLU A 14 5.91 24.06 22.95
C GLU A 14 6.27 23.83 24.41
N ARG A 15 7.20 22.91 24.68
CA ARG A 15 7.73 22.77 26.03
C ARG A 15 8.43 24.04 26.50
N ALA A 16 8.76 24.95 25.58
CA ALA A 16 9.39 26.22 25.94
C ALA A 16 8.38 27.26 26.41
N SER A 17 7.12 27.12 26.00
CA SER A 17 6.06 28.06 26.39
C SER A 17 5.73 27.96 27.87
N PRO A 35 -20.99 2.02 40.23
CA PRO A 35 -21.33 3.33 39.68
C PRO A 35 -20.79 3.55 38.26
N GLU A 36 -20.74 2.50 37.44
CA GLU A 36 -20.07 2.59 36.14
C GLU A 36 -20.75 3.61 35.23
N GLU A 37 -19.94 4.50 34.70
CA GLU A 37 -20.33 5.38 33.61
C GLU A 37 -20.21 4.62 32.30
N PRO A 38 -20.85 5.09 31.23
CA PRO A 38 -20.73 4.41 29.95
C PRO A 38 -19.36 4.65 29.35
N PRO A 39 -18.80 3.69 28.63
CA PRO A 39 -17.53 3.95 27.91
C PRO A 39 -17.70 5.13 26.97
N SER A 40 -16.96 6.20 27.24
CA SER A 40 -16.94 7.34 26.34
C SER A 40 -15.54 7.91 26.34
N ILE A 41 -15.01 8.14 25.15
CA ILE A 41 -13.74 8.83 24.97
C ILE A 41 -14.03 10.15 24.30
N TRP A 42 -13.57 11.23 24.91
CA TRP A 42 -13.91 12.57 24.46
C TRP A 42 -12.93 13.56 25.09
N ARG A 43 -11.73 13.65 24.54
CA ARG A 43 -10.70 14.52 25.10
C ARG A 43 -10.38 15.66 24.15
N LEU A 44 -10.21 16.84 24.71
CA LEU A 44 -9.83 18.04 23.98
C LEU A 44 -8.38 18.40 24.31
N PHE A 45 -7.68 18.96 23.33
CA PHE A 45 -6.29 19.35 23.53
C PHE A 45 -6.06 20.70 22.89
N HIS A 46 -5.05 21.41 23.39
CA HIS A 46 -4.66 22.69 22.79
C HIS A 46 -3.70 22.51 21.63
N ARG A 47 -2.86 21.48 21.67
CA ARG A 47 -1.87 21.22 20.63
C ARG A 47 -2.24 19.95 19.89
N GLN A 48 -2.35 20.06 18.56
CA GLN A 48 -2.70 18.89 17.75
C GLN A 48 -1.72 17.73 17.97
N ALA A 49 -0.46 18.01 18.32
CA ALA A 49 0.46 16.91 18.56
C ALA A 49 0.12 16.16 19.85
N GLN A 50 -0.37 16.87 20.86
CA GLN A 50 -0.80 16.17 22.07
C GLN A 50 -1.97 15.24 21.76
N ALA A 51 -2.88 15.67 20.88
CA ALA A 51 -3.98 14.82 20.45
C ALA A 51 -3.47 13.51 19.86
N PHE A 52 -2.51 13.59 18.94
CA PHE A 52 -2.03 12.36 18.32
C PHE A 52 -1.31 11.48 19.33
N ASN A 53 -0.53 12.09 20.24
CA ASN A 53 0.05 11.32 21.33
C ASN A 53 -1.01 10.49 22.02
N PHE A 54 -2.14 11.14 22.37
CA PHE A 54 -3.24 10.42 23.01
C PHE A 54 -3.76 9.29 22.12
N VAL A 55 -3.92 9.56 20.81
CA VAL A 55 -4.43 8.53 19.90
C VAL A 55 -3.58 7.26 19.97
N LYS A 56 -2.26 7.41 19.80
CA LYS A 56 -1.37 6.26 19.83
C LYS A 56 -1.48 5.52 21.17
N SER A 57 -1.67 6.26 22.26
CA SER A 57 -1.74 5.66 23.58
C SER A 57 -3.09 5.06 23.89
N CYS A 58 -4.02 5.05 22.95
CA CYS A 58 -5.42 4.91 23.34
C CYS A 58 -5.96 3.49 23.20
N LYS A 59 -5.57 2.75 22.16
CA LYS A 59 -6.00 1.36 21.96
C LYS A 59 -7.50 1.22 21.68
N GLU A 60 -8.20 2.31 21.45
CA GLU A 60 -9.54 2.27 20.88
C GLU A 60 -9.54 3.04 19.57
N ASP A 61 -10.35 2.60 18.61
CA ASP A 61 -10.29 3.17 17.27
C ASP A 61 -10.75 4.62 17.29
N VAL A 62 -9.82 5.50 17.58
CA VAL A 62 -10.12 6.89 17.91
C VAL A 62 -9.46 7.79 16.87
N HIS A 63 -10.08 8.93 16.59
CA HIS A 63 -9.65 9.83 15.53
C HIS A 63 -9.64 11.27 16.02
N VAL A 64 -8.89 12.11 15.30
CA VAL A 64 -8.64 13.49 15.72
C VAL A 64 -9.53 14.43 14.90
N PHE A 65 -10.26 15.29 15.59
CA PHE A 65 -11.06 16.35 14.98
C PHE A 65 -10.53 17.70 15.43
N ALA A 66 -10.63 18.70 14.56
CA ALA A 66 -10.31 20.09 14.89
C ALA A 66 -11.59 20.90 14.92
N LEU A 67 -11.80 21.63 16.01
CA LEU A 67 -12.96 22.50 16.18
C LEU A 67 -12.48 23.95 16.09
N GLU A 68 -13.02 24.70 15.13
CA GLU A 68 -12.75 26.12 15.06
C GLU A 68 -13.43 26.83 16.23
N CYS A 69 -12.64 27.47 17.08
CA CYS A 69 -13.19 28.17 18.22
C CYS A 69 -13.47 29.64 17.87
N LYS A 70 -14.42 30.22 18.61
CA LYS A 70 -14.98 31.54 18.31
C LYS A 70 -13.89 32.56 18.05
N VAL A 71 -13.89 33.11 16.84
CA VAL A 71 -12.84 33.98 16.33
C VAL A 71 -13.15 34.36 14.90
N GLY A 72 -12.32 35.22 14.32
CA GLY A 72 -12.17 35.26 12.89
C GLY A 72 -10.99 34.36 12.58
N ASP A 73 -10.17 34.18 13.62
CA ASP A 73 -8.98 33.34 13.55
C ASP A 73 -9.31 31.93 13.08
N GLY A 74 -8.33 31.29 12.47
CA GLY A 74 -8.43 29.89 12.11
C GLY A 74 -7.90 29.02 13.22
N GLN A 75 -7.78 29.59 14.42
CA GLN A 75 -7.31 28.82 15.56
C GLN A 75 -8.23 27.65 15.83
N ARG A 76 -7.64 26.52 16.22
CA ARG A 76 -8.39 25.31 16.46
C ARG A 76 -8.04 24.75 17.84
N ILE A 77 -8.99 24.04 18.41
CA ILE A 77 -8.71 23.05 19.43
C ILE A 77 -8.98 21.70 18.79
N TYR A 78 -8.40 20.67 19.39
CA TYR A 78 -8.40 19.34 18.78
C TYR A 78 -9.16 18.36 19.67
N LEU A 79 -10.10 17.63 19.06
CA LEU A 79 -10.97 16.70 19.77
C LEU A 79 -10.64 15.27 19.37
N VAL A 80 -10.67 14.39 20.35
CA VAL A 80 -10.30 13.00 20.18
C VAL A 80 -11.48 12.15 20.64
N THR A 81 -12.06 11.38 19.73
CA THR A 81 -13.17 10.48 20.04
C THR A 81 -13.29 9.43 18.95
N THR A 82 -14.38 8.66 18.98
CA THR A 82 -14.68 7.72 17.90
C THR A 82 -15.63 8.36 16.89
N TYR A 83 -15.68 7.78 15.68
CA TYR A 83 -16.64 8.26 14.71
C TYR A 83 -18.06 8.14 15.25
N ALA A 84 -18.34 7.04 15.96
CA ALA A 84 -19.71 6.77 16.40
C ALA A 84 -20.15 7.74 17.47
N GLU A 85 -19.27 7.97 18.45
CA GLU A 85 -19.57 8.92 19.51
C GLU A 85 -19.56 10.37 19.00
N PHE A 86 -18.62 10.71 18.11
CA PHE A 86 -18.65 12.03 17.51
C PHE A 86 -19.99 12.31 16.85
N TRP A 87 -20.43 11.41 15.96
CA TRP A 87 -21.69 11.58 15.26
C TRP A 87 -22.85 11.75 16.24
N PHE A 88 -22.77 11.07 17.39
CA PHE A 88 -23.87 11.09 18.35
C PHE A 88 -24.14 12.50 18.86
N TYR A 89 -23.08 13.27 19.14
CA TYR A 89 -23.22 14.62 19.65
C TYR A 89 -23.20 15.67 18.55
N TYR A 90 -22.86 15.28 17.33
CA TYR A 90 -22.75 16.16 16.17
C TYR A 90 -23.99 16.19 15.29
N LYS A 91 -24.73 15.08 15.20
CA LYS A 91 -25.72 14.90 14.14
C LYS A 91 -26.91 15.85 14.28
N SER A 92 -27.23 16.32 15.49
CA SER A 92 -28.34 17.27 15.58
C SER A 92 -27.97 18.64 15.04
N ARG A 93 -26.67 18.89 14.79
CA ARG A 93 -26.17 20.21 14.36
C ARG A 93 -26.61 21.32 15.32
N LYS A 94 -26.67 21.01 16.61
CA LYS A 94 -26.88 22.02 17.64
C LYS A 94 -25.55 22.55 18.17
N ASN A 95 -24.60 21.65 18.44
CA ASN A 95 -23.25 22.00 18.85
C ASN A 95 -22.27 21.48 17.80
N LEU A 96 -20.97 21.55 18.11
CA LEU A 96 -19.91 21.08 17.22
C LEU A 96 -20.15 21.56 15.81
N LEU A 97 -20.48 22.83 15.67
CA LEU A 97 -20.43 23.42 14.36
C LEU A 97 -18.99 23.84 14.07
N HIS A 98 -18.68 23.98 12.79
CA HIS A 98 -17.32 24.31 12.35
C HIS A 98 -16.32 23.25 12.81
N CYS A 99 -16.50 22.05 12.27
CA CYS A 99 -15.64 20.92 12.58
C CYS A 99 -14.84 20.47 11.36
N TYR A 100 -13.70 19.85 11.65
CA TYR A 100 -12.75 19.46 10.61
C TYR A 100 -12.21 18.07 10.92
N GLU A 101 -12.12 17.25 9.87
CA GLU A 101 -11.35 16.03 9.92
C GLU A 101 -9.86 16.38 9.84
N VAL A 102 -9.04 15.78 10.71
CA VAL A 102 -7.59 15.85 10.56
C VAL A 102 -7.14 14.58 9.86
N ILE A 103 -6.63 14.73 8.64
CA ILE A 103 -6.13 13.62 7.84
C ILE A 103 -4.73 13.27 8.33
N PRO A 104 -4.56 12.25 9.17
CA PRO A 104 -3.24 12.02 9.80
C PRO A 104 -2.16 11.75 8.75
N GLU A 105 -1.00 12.36 8.95
CA GLU A 105 0.13 12.08 8.06
C GLU A 105 0.45 10.59 8.12
N ASN A 106 0.77 10.03 6.96
CA ASN A 106 1.15 8.62 6.82
C ASN A 106 0.02 7.64 7.08
N ALA A 107 -1.23 8.09 7.20
CA ALA A 107 -2.35 7.16 7.22
C ALA A 107 -2.89 6.97 5.81
N VAL A 108 -3.28 5.73 5.52
CA VAL A 108 -4.00 5.41 4.30
C VAL A 108 -5.26 6.27 4.21
N CYS A 109 -5.62 6.70 3.00
CA CYS A 109 -6.71 7.66 2.88
C CYS A 109 -7.36 7.55 1.51
N LYS A 110 -8.64 7.95 1.45
CA LYS A 110 -9.35 7.92 0.18
C LYS A 110 -8.79 8.99 -0.73
N LEU A 111 -9.01 8.81 -2.03
CA LEU A 111 -8.71 9.87 -2.99
C LEU A 111 -9.79 10.95 -2.88
N TYR A 112 -9.38 12.20 -2.69
CA TYR A 112 -10.34 13.28 -2.46
C TYR A 112 -9.94 14.52 -3.24
N PHE A 113 -10.88 15.47 -3.34
CA PHE A 113 -10.67 16.70 -4.10
C PHE A 113 -11.34 17.88 -3.42
N ASP A 114 -10.70 19.03 -3.48
CA ASP A 114 -11.28 20.32 -3.11
C ASP A 114 -11.31 21.15 -4.38
N LEU A 115 -12.52 21.38 -4.91
CA LEU A 115 -12.73 22.09 -6.17
C LEU A 115 -13.42 23.42 -5.89
N GLU A 116 -12.89 24.50 -6.45
CA GLU A 116 -13.51 25.80 -6.25
C GLU A 116 -13.11 26.77 -7.37
N PHE A 117 -14.03 27.69 -7.67
CA PHE A 117 -13.70 28.82 -8.52
C PHE A 117 -14.65 29.97 -8.23
N ASN A 118 -14.17 31.17 -8.51
CA ASN A 118 -14.95 32.38 -8.27
C ASN A 118 -16.01 32.50 -9.38
N LYS A 119 -17.28 32.59 -8.98
CA LYS A 119 -18.36 32.63 -9.97
C LYS A 119 -18.36 33.91 -10.79
N PRO A 120 -18.25 35.12 -10.21
CA PRO A 120 -18.19 36.32 -11.06
C PRO A 120 -16.99 36.33 -11.97
N ALA A 121 -15.83 35.91 -11.46
CA ALA A 121 -14.63 35.89 -12.29
C ALA A 121 -14.73 34.87 -13.42
N ASN A 122 -15.72 33.98 -13.40
CA ASN A 122 -15.81 32.90 -14.39
C ASN A 122 -17.23 32.75 -14.94
N PRO A 123 -17.78 33.80 -15.56
CA PRO A 123 -19.19 33.73 -15.99
C PRO A 123 -19.49 32.63 -16.98
N GLY A 124 -18.52 32.18 -17.76
CA GLY A 124 -18.80 31.09 -18.68
C GLY A 124 -18.79 29.70 -18.07
N ALA A 125 -18.08 29.52 -16.95
CA ALA A 125 -17.79 28.17 -16.46
C ALA A 125 -19.05 27.45 -16.00
N ASP A 126 -19.21 26.22 -16.48
CA ASP A 126 -20.31 25.35 -16.08
C ASP A 126 -19.72 24.35 -15.07
N GLY A 127 -19.86 24.67 -13.79
CA GLY A 127 -19.19 23.90 -12.75
C GLY A 127 -19.61 22.45 -12.74
N LYS A 128 -20.91 22.19 -12.91
CA LYS A 128 -21.42 20.82 -12.93
C LYS A 128 -20.72 19.99 -13.99
N LYS A 129 -20.52 20.54 -15.20
CA LYS A 129 -19.80 19.79 -16.23
C LYS A 129 -18.31 19.70 -15.91
N MET A 130 -17.77 20.68 -15.20
CA MET A 130 -16.35 20.61 -14.87
C MET A 130 -16.07 19.46 -13.93
N VAL A 131 -16.98 19.19 -12.97
CA VAL A 131 -16.78 18.05 -12.07
C VAL A 131 -16.95 16.74 -12.82
N ALA A 132 -17.91 16.68 -13.75
CA ALA A 132 -18.16 15.44 -14.47
C ALA A 132 -17.00 15.08 -15.39
N LEU A 133 -16.39 16.08 -16.03
CA LEU A 133 -15.23 15.82 -16.88
C LEU A 133 -13.97 15.58 -16.08
N LEU A 134 -13.82 16.26 -14.94
CA LEU A 134 -12.72 15.96 -14.03
C LEU A 134 -12.80 14.51 -13.55
N ILE A 135 -13.99 14.08 -13.12
CA ILE A 135 -14.17 12.72 -12.61
C ILE A 135 -13.86 11.69 -13.69
N GLU A 136 -14.28 11.97 -14.92
CA GLU A 136 -14.02 11.03 -16.00
C GLU A 136 -12.53 10.89 -16.28
N TYR A 137 -11.80 12.00 -16.31
CA TYR A 137 -10.37 11.96 -16.54
C TYR A 137 -9.64 11.25 -15.40
N VAL A 138 -10.04 11.52 -14.17
CA VAL A 138 -9.43 10.84 -13.02
C VAL A 138 -9.68 9.34 -13.10
N CYS A 139 -10.91 8.94 -13.47
CA CYS A 139 -11.21 7.52 -13.59
C CYS A 139 -10.39 6.88 -14.71
N LYS A 140 -10.19 7.57 -15.83
CA LYS A 140 -9.27 7.08 -16.86
C LYS A 140 -7.84 6.98 -16.31
N ALA A 141 -7.41 7.99 -15.55
CA ALA A 141 -6.08 7.95 -14.96
C ALA A 141 -5.93 6.75 -14.01
N LEU A 142 -6.92 6.51 -13.15
CA LEU A 142 -6.83 5.39 -12.20
C LEU A 142 -6.77 4.05 -12.92
N GLN A 143 -7.51 3.94 -14.03
CA GLN A 143 -7.47 2.70 -14.80
C GLN A 143 -6.11 2.51 -15.47
N GLU A 144 -5.65 3.53 -16.20
CA GLU A 144 -4.39 3.42 -16.93
C GLU A 144 -3.17 3.28 -16.02
N LEU A 145 -3.13 4.04 -14.92
CA LEU A 145 -1.93 3.98 -14.09
C LEU A 145 -1.97 2.86 -13.06
N TYR A 146 -3.15 2.49 -12.58
CA TYR A 146 -3.24 1.52 -11.52
C TYR A 146 -4.17 0.36 -11.82
N GLY A 147 -4.91 0.38 -12.93
CA GLY A 147 -5.86 -0.70 -13.19
C GLY A 147 -7.12 -0.64 -12.36
N VAL A 148 -7.35 0.46 -11.65
CA VAL A 148 -8.53 0.63 -10.81
C VAL A 148 -9.70 1.06 -11.69
N ASN A 149 -10.83 0.35 -11.58
CA ASN A 149 -12.04 0.65 -12.34
C ASN A 149 -13.03 1.38 -11.44
N CYS A 150 -13.46 2.57 -11.85
CA CYS A 150 -14.51 3.25 -11.12
C CYS A 150 -15.15 4.29 -12.02
N SER A 151 -16.21 4.91 -11.49
CA SER A 151 -17.03 5.88 -12.22
C SER A 151 -17.60 6.88 -11.23
N ALA A 152 -18.28 7.89 -11.76
CA ALA A 152 -18.95 8.90 -10.93
C ALA A 152 -19.88 8.28 -9.89
N GLU A 153 -20.38 7.06 -10.12
CA GLU A 153 -21.16 6.35 -9.11
C GLU A 153 -20.34 6.01 -7.87
N ASP A 154 -19.03 6.18 -7.90
CA ASP A 154 -18.18 5.92 -6.74
C ASP A 154 -17.67 7.21 -6.11
N VAL A 155 -18.20 8.36 -6.55
CA VAL A 155 -17.75 9.68 -6.08
C VAL A 155 -18.85 10.29 -5.23
N LEU A 156 -18.54 10.52 -3.95
CA LEU A 156 -19.43 11.28 -3.09
C LEU A 156 -19.23 12.75 -3.40
N ASN A 157 -20.31 13.43 -3.79
CA ASN A 157 -20.23 14.82 -4.25
C ASN A 157 -20.83 15.73 -3.19
N LEU A 158 -19.98 16.52 -2.52
CA LEU A 158 -20.44 17.43 -1.48
C LEU A 158 -20.32 18.88 -1.96
N ASP A 159 -21.33 19.68 -1.64
CA ASP A 159 -21.44 21.06 -2.15
C ASP A 159 -21.45 22.04 -0.98
N SER A 160 -20.64 23.09 -1.09
CA SER A 160 -20.65 24.20 -0.16
C SER A 160 -20.73 25.53 -0.89
N SER A 161 -21.39 25.56 -2.04
CA SER A 161 -21.37 26.74 -2.90
C SER A 161 -22.21 27.89 -2.33
N THR A 162 -21.79 29.12 -2.67
CA THR A 162 -22.59 30.32 -2.46
C THR A 162 -22.74 31.06 -3.79
N ASP A 163 -23.27 32.28 -3.75
CA ASP A 163 -23.33 33.07 -4.98
C ASP A 163 -21.97 33.61 -5.41
N GLU A 164 -21.03 33.76 -4.47
CA GLU A 164 -19.68 34.15 -4.86
C GLU A 164 -18.85 32.96 -5.34
N LYS A 165 -19.03 31.78 -4.75
CA LYS A 165 -18.07 30.69 -4.87
C LYS A 165 -18.76 29.38 -5.24
N PHE A 166 -18.29 28.76 -6.33
CA PHE A 166 -18.58 27.35 -6.60
C PHE A 166 -17.61 26.53 -5.77
N SER A 167 -18.12 25.78 -4.79
CA SER A 167 -17.27 25.02 -3.87
C SER A 167 -17.79 23.60 -3.76
N ARG A 168 -16.93 22.63 -4.08
CA ARG A 168 -17.31 21.23 -3.96
C ARG A 168 -16.19 20.38 -3.40
N HIS A 169 -16.56 19.42 -2.57
CA HIS A 169 -15.64 18.40 -2.07
C HIS A 169 -16.05 17.07 -2.68
N LEU A 170 -15.10 16.39 -3.32
CA LEU A 170 -15.35 15.05 -3.84
C LEU A 170 -14.56 14.05 -3.00
N ILE A 171 -15.21 12.96 -2.58
CA ILE A 171 -14.52 11.87 -1.85
C ILE A 171 -14.83 10.58 -2.60
N PHE A 172 -13.80 10.01 -3.23
CA PHE A 172 -13.93 8.76 -3.95
C PHE A 172 -14.07 7.61 -2.96
N GLN A 173 -14.90 6.63 -3.31
CA GLN A 173 -15.18 5.42 -2.52
C GLN A 173 -14.75 4.23 -3.37
N LEU A 174 -13.45 4.02 -3.45
CA LEU A 174 -12.90 2.93 -4.24
C LEU A 174 -13.07 1.61 -3.48
N HIS A 175 -13.53 0.58 -4.18
CA HIS A 175 -13.72 -0.72 -3.55
C HIS A 175 -12.35 -1.38 -3.37
N ASP A 176 -11.97 -1.61 -2.12
CA ASP A 176 -10.75 -2.36 -1.76
C ASP A 176 -9.50 -1.64 -2.23
N VAL A 177 -9.57 -0.33 -2.43
CA VAL A 177 -8.44 0.46 -2.87
C VAL A 177 -8.35 1.70 -2.00
N ALA A 178 -7.13 2.17 -1.78
CA ALA A 178 -6.84 3.39 -1.07
C ALA A 178 -5.43 3.82 -1.43
N PHE A 179 -5.12 5.09 -1.14
CA PHE A 179 -3.80 5.68 -1.34
C PHE A 179 -3.01 5.58 -0.06
N LYS A 180 -1.69 5.44 -0.23
CA LYS A 180 -0.81 5.19 0.91
C LYS A 180 -0.95 6.29 1.95
N ASP A 181 -1.02 7.54 1.52
CA ASP A 181 -1.38 8.68 2.38
C ASP A 181 -1.71 9.85 1.47
N ASN A 182 -2.13 10.96 2.07
CA ASN A 182 -2.61 12.08 1.26
C ASN A 182 -1.49 12.78 0.49
N ILE A 183 -0.24 12.69 0.94
CA ILE A 183 0.86 13.18 0.12
C ILE A 183 0.87 12.48 -1.23
N HIS A 184 0.64 11.16 -1.23
CA HIS A 184 0.64 10.38 -2.46
C HIS A 184 -0.57 10.70 -3.34
N VAL A 185 -1.74 10.98 -2.75
CA VAL A 185 -2.85 11.52 -3.53
C VAL A 185 -2.38 12.76 -4.28
N GLY A 186 -1.71 13.67 -3.57
CA GLY A 186 -1.21 14.89 -4.19
C GLY A 186 -0.18 14.62 -5.27
N ASN A 187 0.75 13.69 -5.02
CA ASN A 187 1.71 13.36 -6.06
C ASN A 187 0.98 12.78 -7.27
N PHE A 188 0.02 11.87 -7.03
CA PHE A 188 -0.73 11.32 -8.15
C PHE A 188 -1.44 12.43 -8.94
N LEU A 189 -1.99 13.43 -8.24
CA LEU A 189 -2.77 14.46 -8.93
C LEU A 189 -1.88 15.43 -9.69
N ARG A 190 -0.76 15.84 -9.10
CA ARG A 190 0.11 16.73 -9.85
C ARG A 190 0.75 16.02 -11.03
N LYS A 191 0.86 14.69 -10.99
CA LYS A 191 1.35 13.98 -12.16
C LYS A 191 0.29 13.96 -13.27
N ILE A 192 -0.93 13.56 -12.96
CA ILE A 192 -1.91 13.45 -14.04
C ILE A 192 -2.44 14.81 -14.48
N LEU A 193 -2.32 15.84 -13.64
CA LEU A 193 -2.76 17.18 -14.01
C LEU A 193 -1.63 18.02 -14.57
N GLN A 194 -0.47 17.44 -14.86
CA GLN A 194 0.63 18.22 -15.40
C GLN A 194 0.28 18.94 -16.71
N PRO A 195 -0.42 18.35 -17.68
CA PRO A 195 -0.84 19.16 -18.84
C PRO A 195 -1.60 20.41 -18.43
N ALA A 196 -2.49 20.30 -17.46
CA ALA A 196 -3.23 21.46 -17.01
C ALA A 196 -2.30 22.49 -16.37
N LEU A 197 -1.38 22.03 -15.52
CA LEU A 197 -0.46 22.95 -14.89
C LEU A 197 0.42 23.68 -15.90
N ASP A 198 0.53 23.15 -17.11
CA ASP A 198 1.32 23.80 -18.14
C ASP A 198 0.57 24.92 -18.83
N LEU A 199 -0.76 24.83 -18.95
CA LEU A 199 -1.53 25.93 -19.50
C LEU A 199 -1.58 27.11 -18.53
N LEU A 200 -0.73 27.08 -17.50
CA LEU A 200 -0.78 28.09 -16.44
C LEU A 200 -0.44 29.49 -16.94
N PRO A 261 -3.74 16.80 -22.90
CA PRO A 261 -4.85 16.29 -23.73
C PRO A 261 -6.17 17.01 -23.43
N ASP A 262 -6.19 18.32 -23.71
CA ASP A 262 -7.32 19.18 -23.43
C ASP A 262 -7.79 19.00 -21.99
N LEU A 263 -7.02 19.53 -21.05
CA LEU A 263 -7.47 19.77 -19.69
C LEU A 263 -7.71 21.25 -19.45
N SER A 264 -7.92 22.01 -20.53
CA SER A 264 -8.12 23.45 -20.41
C SER A 264 -9.37 23.78 -19.62
N PHE A 265 -10.35 22.87 -19.60
CA PHE A 265 -11.59 23.06 -18.86
C PHE A 265 -11.37 23.21 -17.36
N LEU A 266 -10.16 22.96 -16.87
CA LEU A 266 -9.88 23.15 -15.45
C LEU A 266 -9.35 24.52 -15.13
N VAL A 267 -8.91 25.25 -16.12
CA VAL A 267 -8.32 26.56 -15.87
C VAL A 267 -9.45 27.54 -15.59
N VAL A 268 -9.26 28.34 -14.54
CA VAL A 268 -10.22 29.35 -14.15
C VAL A 268 -9.45 30.57 -13.67
N LYS A 269 -10.10 31.72 -13.78
CA LYS A 269 -9.55 32.96 -13.29
C LYS A 269 -9.88 33.12 -11.81
N ASN A 270 -8.98 33.77 -11.09
CA ASN A 270 -9.25 34.13 -9.70
C ASN A 270 -9.81 35.55 -9.65
N ASN A 271 -9.89 36.13 -8.45
CA ASN A 271 -10.33 37.52 -8.34
C ASN A 271 -9.46 38.43 -9.20
N MET A 272 -8.15 38.22 -9.24
CA MET A 272 -7.30 39.24 -9.85
C MET A 272 -6.99 38.95 -11.31
N GLY A 273 -7.75 38.08 -11.96
CA GLY A 273 -7.52 37.72 -13.34
C GLY A 273 -6.47 36.65 -13.58
N GLU A 274 -5.77 36.20 -12.54
CA GLU A 274 -4.72 35.21 -12.73
C GLU A 274 -5.34 33.83 -12.86
N LYS A 275 -4.93 33.10 -13.89
CA LYS A 275 -5.52 31.79 -14.15
C LYS A 275 -4.98 30.75 -13.19
N HIS A 276 -5.87 30.00 -12.54
CA HIS A 276 -5.47 28.88 -11.69
C HIS A 276 -6.29 27.66 -12.07
N LEU A 277 -6.06 26.57 -11.35
CA LEU A 277 -6.82 25.35 -11.57
C LEU A 277 -8.08 25.32 -10.70
N PHE A 278 -9.14 24.81 -11.30
CA PHE A 278 -10.35 24.38 -10.60
C PHE A 278 -10.02 23.43 -9.43
N VAL A 279 -9.03 22.55 -9.61
CA VAL A 279 -8.58 21.65 -8.57
C VAL A 279 -7.60 22.38 -7.65
N ASP A 280 -7.91 22.41 -6.37
CA ASP A 280 -7.05 23.02 -5.36
C ASP A 280 -5.97 22.03 -4.94
N LEU A 281 -4.71 22.27 -5.33
CA LEU A 281 -3.63 21.34 -4.99
C LEU A 281 -3.00 21.63 -3.64
N GLY A 282 -3.62 22.48 -2.83
CA GLY A 282 -2.96 22.85 -1.60
C GLY A 282 -3.44 22.08 -0.40
N VAL A 283 -4.29 21.08 -0.63
CA VAL A 283 -4.91 20.33 0.46
C VAL A 283 -4.27 18.97 0.68
N TYR A 284 -3.19 18.65 -0.04
CA TYR A 284 -2.55 17.34 0.12
C TYR A 284 -1.29 17.47 0.97
N THR A 285 -1.49 17.92 2.21
CA THR A 285 -0.43 18.32 3.12
C THR A 285 -0.55 17.53 4.42
N ARG A 286 0.58 17.40 5.12
CA ARG A 286 0.62 16.63 6.35
C ARG A 286 -0.40 17.15 7.35
N ASN A 287 -1.25 16.25 7.86
CA ASN A 287 -2.26 16.57 8.87
C ASN A 287 -3.25 17.62 8.37
N ARG A 288 -3.52 17.65 7.06
CA ARG A 288 -4.49 18.57 6.48
C ARG A 288 -5.84 18.50 7.18
N ASN A 289 -6.36 19.65 7.58
CA ASN A 289 -7.74 19.74 8.07
C ASN A 289 -8.69 19.73 6.89
N PHE A 290 -9.77 18.96 7.00
CA PHE A 290 -10.77 18.90 5.92
C PHE A 290 -12.16 18.98 6.53
N ARG A 291 -12.93 19.98 6.10
CA ARG A 291 -14.16 20.36 6.76
C ARG A 291 -15.20 19.25 6.69
N LEU A 292 -15.81 18.92 7.82
CA LEU A 292 -16.73 17.79 7.85
C LEU A 292 -17.98 18.07 7.03
N TYR A 293 -18.57 16.99 6.55
CA TYR A 293 -19.96 16.94 6.13
C TYR A 293 -20.82 17.67 7.15
N LYS A 294 -21.62 18.63 6.69
CA LYS A 294 -22.59 19.38 7.51
C LYS A 294 -21.93 20.39 8.43
N SER A 295 -20.67 20.75 8.21
CA SER A 295 -20.04 21.82 8.96
C SER A 295 -19.83 23.03 8.06
N SER A 296 -19.84 24.19 8.69
CA SER A 296 -19.55 25.45 8.02
C SER A 296 -18.28 26.03 8.61
N LYS A 297 -17.62 26.87 7.83
CA LYS A 297 -16.57 27.72 8.37
C LYS A 297 -17.16 28.71 9.36
N ILE A 298 -16.33 29.10 10.34
CA ILE A 298 -16.83 29.84 11.49
C ILE A 298 -17.32 31.22 11.10
N GLY A 299 -16.72 31.85 10.10
CA GLY A 299 -17.30 33.11 9.65
C GLY A 299 -18.68 32.98 9.04
N LYS A 300 -19.04 31.80 8.57
CA LYS A 300 -20.05 31.68 7.53
C LYS A 300 -21.22 30.81 8.00
N ARG A 301 -22.15 30.60 7.08
CA ARG A 301 -23.38 29.87 7.36
C ARG A 301 -23.60 28.65 6.47
N VAL A 302 -22.83 28.50 5.39
CA VAL A 302 -23.03 27.41 4.44
C VAL A 302 -22.26 26.19 4.89
N ALA A 303 -22.94 25.05 4.95
CA ALA A 303 -22.37 23.79 5.39
C ALA A 303 -22.26 22.84 4.21
N LEU A 304 -21.28 21.94 4.25
CA LEU A 304 -21.17 20.96 3.18
C LEU A 304 -22.35 20.01 3.24
N GLU A 305 -22.97 19.76 2.10
CA GLU A 305 -24.16 18.93 2.00
C GLU A 305 -24.06 18.11 0.73
N VAL A 306 -24.73 16.95 0.73
CA VAL A 306 -24.68 16.13 -0.46
C VAL A 306 -25.25 16.91 -1.64
N THR A 307 -24.45 17.02 -2.70
CA THR A 307 -24.85 17.72 -3.92
C THR A 307 -26.06 17.03 -4.55
N GLU A 308 -26.83 17.82 -5.29
CA GLU A 308 -28.07 17.34 -5.88
C GLU A 308 -27.79 16.25 -6.91
N ASP A 309 -26.74 16.43 -7.72
CA ASP A 309 -26.35 15.46 -8.73
C ASP A 309 -25.51 14.29 -8.17
N ASN A 310 -25.32 14.19 -6.85
CA ASN A 310 -24.48 13.12 -6.31
C ASN A 310 -24.99 11.76 -6.76
N LYS A 311 -24.07 10.91 -7.21
CA LYS A 311 -24.46 9.57 -7.64
C LYS A 311 -23.88 8.45 -6.76
N PHE A 312 -23.18 8.75 -5.68
CA PHE A 312 -22.76 7.71 -4.75
C PHE A 312 -23.85 7.50 -3.70
N PHE A 313 -24.31 6.26 -3.58
CA PHE A 313 -25.31 5.88 -2.58
C PHE A 313 -24.76 4.76 -1.72
N PRO A 314 -24.58 4.97 -0.42
CA PRO A 314 -24.17 3.84 0.43
C PRO A 314 -25.22 2.75 0.46
N ILE A 315 -24.76 1.51 0.65
CA ILE A 315 -25.71 0.41 0.81
C ILE A 315 -26.52 0.68 2.07
N GLN A 316 -27.84 0.57 1.96
CA GLN A 316 -28.66 0.86 3.13
C GLN A 316 -28.52 -0.26 4.14
N SER A 317 -28.58 0.11 5.43
CA SER A 317 -28.47 -0.87 6.50
C SER A 317 -29.52 -0.60 7.58
N LYS A 318 -30.18 -1.66 8.03
CA LYS A 318 -31.15 -1.48 9.10
C LYS A 318 -30.49 -1.05 10.41
N ASP A 319 -29.17 -1.11 10.49
CA ASP A 319 -28.45 -0.87 11.74
C ASP A 319 -27.87 0.54 11.86
N VAL A 320 -27.82 1.32 10.77
CA VAL A 320 -27.27 2.66 10.80
C VAL A 320 -28.15 3.56 9.95
N SER A 321 -28.15 4.85 10.27
CA SER A 321 -28.90 5.79 9.45
C SER A 321 -28.12 6.12 8.18
N ASP A 322 -28.87 6.35 7.11
CA ASP A 322 -28.26 6.85 5.87
C ASP A 322 -27.31 8.00 6.15
N GLU A 323 -27.71 8.93 7.03
CA GLU A 323 -26.87 10.10 7.25
C GLU A 323 -25.53 9.70 7.85
N TYR A 324 -25.55 8.74 8.78
CA TYR A 324 -24.29 8.24 9.32
C TYR A 324 -23.48 7.55 8.23
N GLN A 325 -24.16 6.83 7.34
CA GLN A 325 -23.48 6.24 6.20
C GLN A 325 -22.79 7.30 5.38
N TYR A 326 -23.51 8.39 5.09
CA TYR A 326 -22.91 9.48 4.32
C TYR A 326 -21.75 10.10 5.07
N PHE A 327 -21.90 10.28 6.38
CA PHE A 327 -20.81 10.81 7.20
C PHE A 327 -19.56 9.95 7.05
N LEU A 328 -19.69 8.62 7.17
CA LEU A 328 -18.52 7.76 7.17
C LEU A 328 -17.88 7.72 5.81
N SER A 329 -18.70 7.72 4.76
CA SER A 329 -18.17 7.78 3.40
C SER A 329 -17.37 9.05 3.19
N SER A 330 -17.78 10.14 3.81
CA SER A 330 -17.15 11.43 3.56
C SER A 330 -15.84 11.61 4.29
N LEU A 331 -15.60 10.86 5.35
CA LEU A 331 -14.34 10.93 6.08
C LEU A 331 -13.20 10.39 5.23
N VAL A 332 -12.24 11.26 4.90
CA VAL A 332 -11.14 10.87 4.01
C VAL A 332 -10.29 9.75 4.62
N SER A 333 -10.05 9.81 5.94
CA SER A 333 -9.22 8.80 6.60
C SER A 333 -9.97 7.54 6.94
N ASN A 334 -11.26 7.46 6.64
CA ASN A 334 -12.06 6.33 7.06
C ASN A 334 -12.02 5.26 5.97
N VAL A 335 -10.87 4.63 5.86
CA VAL A 335 -10.68 3.63 4.81
C VAL A 335 -11.35 2.33 5.25
N ARG A 336 -12.27 1.86 4.43
CA ARG A 336 -13.02 0.63 4.65
C ARG A 336 -12.10 -0.56 4.91
N PHE A 337 -12.06 -1.03 6.16
CA PHE A 337 -11.36 -2.25 6.52
C PHE A 337 -11.72 -3.41 5.59
N SER A 338 -10.80 -3.81 4.73
CA SER A 338 -11.03 -4.91 3.80
C SER A 338 -9.81 -5.82 3.80
N ASP A 339 -10.07 -7.13 3.65
CA ASP A 339 -9.03 -8.15 3.66
C ASP A 339 -8.29 -8.29 2.34
N THR A 340 -8.64 -7.51 1.32
CA THR A 340 -8.00 -7.59 0.03
C THR A 340 -7.57 -6.21 -0.46
N LEU A 341 -7.14 -5.36 0.48
CA LEU A 341 -6.93 -3.94 0.18
C LEU A 341 -5.68 -3.71 -0.66
N ARG A 342 -5.85 -2.95 -1.73
CA ARG A 342 -4.78 -2.42 -2.55
C ARG A 342 -4.43 -1.01 -2.10
N ILE A 343 -3.15 -0.77 -1.86
CA ILE A 343 -2.66 0.52 -1.41
C ILE A 343 -1.86 1.14 -2.55
N LEU A 344 -2.28 2.32 -3.01
CA LEU A 344 -1.66 3.03 -4.12
C LEU A 344 -0.61 4.01 -3.64
N THR A 345 0.55 3.99 -4.30
CA THR A 345 1.61 4.95 -4.02
C THR A 345 1.90 5.76 -5.28
N CYS A 346 2.34 6.99 -5.07
CA CYS A 346 2.80 7.82 -6.19
C CYS A 346 3.96 8.65 -5.69
N GLU A 347 5.07 8.51 -6.28
CA GLU A 347 6.25 9.25 -5.84
C GLU A 347 6.46 10.50 -6.69
N PRO A 348 7.08 11.55 -6.13
CA PRO A 348 7.30 12.79 -6.89
C PRO A 348 8.17 12.57 -8.12
N1 5IU B 7 5.06 26.70 -0.22
C2 5IU B 7 4.90 27.89 0.53
N3 5IU B 7 5.59 28.11 1.65
C4 5IU B 7 6.47 27.21 2.11
C5 5IU B 7 6.68 25.96 1.34
C6 5IU B 7 5.93 25.76 0.17
O2 5IU B 7 4.09 28.75 0.13
O4 5IU B 7 7.11 27.44 3.15
I5 5IU B 7 8.04 24.50 1.98
C1' 5IU B 7 4.27 26.51 -1.44
C2' 5IU B 7 5.07 25.83 -2.54
C3' 5IU B 7 4.01 25.02 -3.27
C4' 5IU B 7 3.02 24.68 -2.19
O3' 5IU B 7 3.31 25.79 -4.23
O4' 5IU B 7 3.13 25.68 -1.18
C5' 5IU B 7 3.47 23.35 -1.65
O5' 5IU B 7 2.58 22.96 -0.63
P 5IU B 7 3.03 21.67 0.22
OP1 5IU B 7 2.02 21.47 1.31
OP2 5IU B 7 3.12 20.48 -0.70
P DDG C 13 -5.88 30.30 -0.65
OP1 DDG C 13 -6.10 30.54 -2.12
OP2 DDG C 13 -6.86 31.13 0.15
O5' DDG C 13 -6.18 28.75 -0.34
C5' DDG C 13 -5.50 27.68 -1.00
C4' DDG C 13 -5.56 26.49 -0.06
O4' DDG C 13 -4.77 26.75 1.10
C3' DDG C 13 -7.01 26.29 0.42
C2' DDG C 13 -6.91 26.17 1.93
C1' DDG C 13 -5.44 26.25 2.27
N9 DDG C 13 -5.19 27.19 3.38
C8 DDG C 13 -5.54 28.50 3.41
N7 DDG C 13 -5.13 29.06 4.58
C5 DDG C 13 -4.52 28.12 5.32
C6 DDG C 13 -3.85 28.04 6.63
O6 DDG C 13 -3.76 29.04 7.37
N1 DDG C 13 -3.33 26.87 7.01
C2 DDG C 13 -3.39 25.77 6.24
N2 DDG C 13 -2.84 24.61 6.70
N3 DDG C 13 -3.99 25.78 5.01
C4 DDG C 13 -4.55 26.89 4.52
N PRO D 38 37.75 3.41 -2.61
CA PRO D 38 36.48 3.20 -3.29
C PRO D 38 35.29 3.11 -2.33
N PRO D 39 34.15 3.72 -2.69
CA PRO D 39 32.95 3.59 -1.86
C PRO D 39 32.39 2.18 -1.85
N SER D 40 32.60 1.45 -0.76
CA SER D 40 32.07 0.11 -0.62
C SER D 40 31.47 -0.04 0.77
N ILE D 41 30.43 -0.87 0.86
CA ILE D 41 29.82 -1.21 2.14
C ILE D 41 29.87 -2.72 2.29
N TRP D 42 30.41 -3.18 3.40
CA TRP D 42 30.54 -4.60 3.64
C TRP D 42 30.83 -4.83 5.11
N ARG D 43 29.89 -5.44 5.83
CA ARG D 43 30.13 -5.79 7.22
C ARG D 43 29.52 -7.15 7.51
N LEU D 44 30.15 -7.86 8.44
CA LEU D 44 29.75 -9.19 8.83
C LEU D 44 29.29 -9.18 10.28
N PHE D 45 28.20 -9.87 10.56
CA PHE D 45 27.65 -9.85 11.91
C PHE D 45 27.39 -11.26 12.39
N HIS D 46 27.60 -11.46 13.70
CA HIS D 46 27.24 -12.70 14.36
C HIS D 46 25.74 -12.76 14.64
N ARG D 47 25.10 -11.59 14.74
CA ARG D 47 23.71 -11.50 15.14
C ARG D 47 22.93 -10.71 14.09
N GLN D 48 21.82 -11.29 13.65
CA GLN D 48 21.00 -10.67 12.62
C GLN D 48 20.49 -9.29 13.05
N ALA D 49 20.22 -9.11 14.33
CA ALA D 49 19.71 -7.82 14.78
C ALA D 49 20.76 -6.72 14.60
N GLN D 50 22.04 -7.05 14.76
CA GLN D 50 23.07 -6.03 14.51
C GLN D 50 23.15 -5.70 13.04
N ALA D 51 23.01 -6.71 12.18
CA ALA D 51 22.99 -6.45 10.75
C ALA D 51 21.84 -5.51 10.37
N PHE D 52 20.68 -5.70 10.99
CA PHE D 52 19.58 -4.78 10.71
C PHE D 52 19.80 -3.44 11.37
N ASN D 53 20.48 -3.40 12.53
CA ASN D 53 20.93 -2.11 13.06
C ASN D 53 21.76 -1.37 12.03
N PHE D 54 22.64 -2.09 11.33
CA PHE D 54 23.53 -1.47 10.39
C PHE D 54 22.79 -0.98 9.15
N VAL D 55 21.90 -1.80 8.58
CA VAL D 55 21.06 -1.35 7.46
C VAL D 55 20.41 -0.03 7.80
N LYS D 56 19.91 0.09 9.03
CA LYS D 56 19.21 1.29 9.44
C LYS D 56 20.21 2.42 9.67
N SER D 57 21.34 2.13 10.32
CA SER D 57 22.33 3.17 10.62
C SER D 57 22.94 3.76 9.36
N CYS D 58 23.12 2.97 8.32
CA CYS D 58 23.84 3.48 7.15
C CYS D 58 22.93 4.13 6.11
N LYS D 59 21.62 3.88 6.17
CA LYS D 59 20.64 4.53 5.30
C LYS D 59 21.11 4.50 3.86
N GLU D 60 21.72 3.39 3.48
CA GLU D 60 22.05 3.14 2.09
C GLU D 60 21.21 1.97 1.60
N ASP D 61 21.27 1.77 0.28
CA ASP D 61 20.53 0.71 -0.40
C ASP D 61 21.23 -0.63 -0.19
N VAL D 62 21.21 -1.11 1.05
CA VAL D 62 21.94 -2.31 1.45
C VAL D 62 20.97 -3.37 1.97
N HIS D 63 21.42 -4.62 1.96
CA HIS D 63 20.54 -5.73 2.30
C HIS D 63 21.28 -6.78 3.13
N VAL D 64 20.51 -7.64 3.76
CA VAL D 64 21.03 -8.62 4.70
C VAL D 64 21.04 -9.98 4.02
N PHE D 65 22.22 -10.62 4.00
CA PHE D 65 22.37 -11.98 3.54
C PHE D 65 22.84 -12.84 4.69
N ALA D 66 22.46 -14.11 4.64
CA ALA D 66 22.80 -15.08 5.65
C ALA D 66 23.70 -16.11 5.02
N LEU D 67 24.80 -16.40 5.69
CA LEU D 67 25.82 -17.34 5.23
C LEU D 67 25.82 -18.49 6.22
N GLU D 68 25.55 -19.70 5.77
CA GLU D 68 25.60 -20.75 6.77
C GLU D 68 27.02 -21.28 6.90
N CYS D 69 27.42 -21.50 8.16
CA CYS D 69 28.78 -21.76 8.56
C CYS D 69 29.09 -23.25 8.47
N LYS D 70 30.35 -23.60 8.73
CA LYS D 70 30.80 -24.98 8.94
C LYS D 70 29.73 -25.81 9.62
N VAL D 71 29.03 -26.64 8.85
CA VAL D 71 27.72 -27.11 9.23
C VAL D 71 27.64 -28.63 9.24
N GLY D 72 27.18 -29.17 10.36
CA GLY D 72 26.15 -30.17 10.33
C GLY D 72 24.88 -29.36 10.57
N ASP D 73 25.04 -28.14 11.08
CA ASP D 73 23.95 -27.37 11.68
C ASP D 73 23.53 -26.19 10.82
N GLY D 74 22.51 -25.46 11.28
CA GLY D 74 21.97 -24.35 10.54
C GLY D 74 22.46 -22.97 10.95
N GLN D 75 23.52 -22.89 11.76
CA GLN D 75 24.01 -21.59 12.22
C GLN D 75 24.42 -20.70 11.06
N ARG D 76 24.11 -19.43 11.18
CA ARG D 76 24.36 -18.47 10.13
C ARG D 76 25.16 -17.32 10.71
N ILE D 77 26.02 -16.73 9.90
CA ILE D 77 26.45 -15.35 10.12
C ILE D 77 25.75 -14.46 9.10
N TYR D 78 25.83 -13.16 9.30
CA TYR D 78 25.05 -12.22 8.50
C TYR D 78 25.96 -11.18 7.83
N LEU D 79 25.64 -10.87 6.58
CA LEU D 79 26.41 -9.92 5.80
C LEU D 79 25.49 -8.81 5.28
N VAL D 80 25.95 -7.56 5.40
CA VAL D 80 25.24 -6.41 4.85
C VAL D 80 26.12 -5.80 3.77
N THR D 81 25.59 -5.68 2.56
CA THR D 81 26.25 -5.00 1.44
C THR D 81 25.20 -4.71 0.39
N THR D 82 25.61 -4.05 -0.71
CA THR D 82 24.64 -3.86 -1.78
C THR D 82 24.51 -5.14 -2.63
N TYR D 83 23.47 -5.20 -3.46
CA TYR D 83 23.37 -6.32 -4.39
C TYR D 83 24.53 -6.33 -5.37
N ALA D 84 24.92 -5.16 -5.86
CA ALA D 84 25.97 -5.11 -6.88
C ALA D 84 27.32 -5.55 -6.30
N GLU D 85 27.67 -5.06 -5.12
CA GLU D 85 28.91 -5.52 -4.55
C GLU D 85 28.80 -6.96 -4.06
N PHE D 86 27.63 -7.38 -3.61
CA PHE D 86 27.46 -8.80 -3.28
C PHE D 86 27.73 -9.69 -4.48
N TRP D 87 27.11 -9.35 -5.63
CA TRP D 87 27.28 -10.15 -6.84
C TRP D 87 28.73 -10.13 -7.33
N PHE D 88 29.36 -8.97 -7.29
CA PHE D 88 30.75 -8.87 -7.75
C PHE D 88 31.61 -9.91 -7.08
N TYR D 89 31.42 -10.13 -5.78
CA TYR D 89 32.24 -11.08 -5.04
C TYR D 89 31.64 -12.47 -5.03
N TYR D 90 30.31 -12.57 -5.08
CA TYR D 90 29.65 -13.87 -5.05
C TYR D 90 29.80 -14.60 -6.38
N LYS D 91 29.82 -13.86 -7.48
CA LYS D 91 29.65 -14.50 -8.78
C LYS D 91 30.87 -15.35 -9.14
N SER D 92 32.06 -14.99 -8.62
CA SER D 92 33.26 -15.78 -8.90
C SER D 92 32.95 -17.17 -8.39
N ARG D 93 32.19 -17.91 -9.23
CA ARG D 93 31.48 -19.14 -8.95
C ARG D 93 31.25 -19.38 -7.46
N LYS D 94 32.31 -19.84 -6.79
CA LYS D 94 32.30 -20.12 -5.37
C LYS D 94 32.22 -18.85 -4.51
N ASN D 95 33.34 -18.11 -4.48
CA ASN D 95 33.78 -17.16 -3.45
C ASN D 95 32.98 -17.11 -2.14
N LEU D 96 31.65 -17.19 -2.17
CA LEU D 96 30.83 -17.10 -0.95
C LEU D 96 29.62 -18.03 -1.11
N LEU D 97 29.71 -19.21 -0.53
CA LEU D 97 28.78 -20.28 -0.90
C LEU D 97 27.81 -20.60 0.23
N HIS D 98 26.68 -21.17 -0.16
CA HIS D 98 25.57 -21.45 0.76
C HIS D 98 25.05 -20.16 1.40
N CYS D 99 24.50 -19.30 0.54
CA CYS D 99 23.99 -18.00 0.93
C CYS D 99 22.46 -17.94 0.85
N TYR D 100 21.89 -17.10 1.71
CA TYR D 100 20.46 -16.90 1.83
C TYR D 100 20.18 -15.41 1.85
N GLU D 101 19.09 -15.01 1.21
CA GLU D 101 18.57 -13.67 1.34
C GLU D 101 17.69 -13.65 2.57
N VAL D 102 17.81 -12.62 3.39
CA VAL D 102 16.90 -12.43 4.52
C VAL D 102 15.80 -11.48 4.07
N ILE D 103 14.58 -11.99 3.94
CA ILE D 103 13.41 -11.18 3.62
C ILE D 103 13.00 -10.40 4.85
N PRO D 104 13.29 -9.10 4.92
CA PRO D 104 13.10 -8.37 6.18
C PRO D 104 11.62 -8.20 6.49
N GLU D 105 11.28 -8.27 7.78
CA GLU D 105 9.88 -8.08 8.12
C GLU D 105 9.46 -6.64 7.83
N ASN D 106 8.20 -6.48 7.46
CA ASN D 106 7.63 -5.16 7.15
C ASN D 106 8.36 -4.47 6.00
N ALA D 107 8.93 -5.25 5.10
CA ALA D 107 9.42 -4.73 3.83
C ALA D 107 8.56 -5.29 2.71
N VAL D 108 8.30 -4.47 1.70
CA VAL D 108 7.54 -4.94 0.55
C VAL D 108 8.34 -6.03 -0.14
N CYS D 109 7.64 -6.98 -0.76
CA CYS D 109 8.33 -8.11 -1.36
C CYS D 109 7.48 -8.69 -2.46
N LYS D 110 8.15 -9.40 -3.36
CA LYS D 110 7.47 -10.06 -4.45
C LYS D 110 6.68 -11.23 -3.92
N LEU D 111 5.74 -11.69 -4.74
CA LEU D 111 5.09 -12.95 -4.51
C LEU D 111 6.04 -14.09 -4.87
N TYR D 112 6.18 -15.07 -3.97
CA TYR D 112 7.19 -16.10 -4.14
C TYR D 112 6.67 -17.39 -3.54
N PHE D 113 7.19 -18.52 -4.05
CA PHE D 113 6.75 -19.84 -3.64
C PHE D 113 7.96 -20.73 -3.36
N ASP D 114 7.77 -21.68 -2.43
CA ASP D 114 8.67 -22.81 -2.25
C ASP D 114 7.85 -24.08 -2.46
N LEU D 115 8.11 -24.81 -3.55
CA LEU D 115 7.38 -26.00 -3.90
C LEU D 115 8.27 -27.23 -3.73
N GLU D 116 7.75 -28.26 -3.10
CA GLU D 116 8.55 -29.47 -2.95
C GLU D 116 7.66 -30.65 -2.71
N PHE D 117 8.18 -31.83 -3.05
CA PHE D 117 7.58 -33.08 -2.59
C PHE D 117 8.62 -34.18 -2.73
N ASN D 118 8.49 -35.18 -1.85
CA ASN D 118 9.35 -36.36 -1.91
C ASN D 118 8.95 -37.23 -3.09
N LYS D 119 9.90 -37.49 -3.98
CA LYS D 119 9.58 -38.26 -5.20
C LYS D 119 9.28 -39.71 -4.89
N PRO D 120 10.07 -40.44 -4.09
CA PRO D 120 9.66 -41.82 -3.73
C PRO D 120 8.24 -41.92 -3.20
N ALA D 121 7.84 -41.02 -2.30
CA ALA D 121 6.52 -41.12 -1.73
C ALA D 121 5.44 -40.56 -2.65
N ASN D 122 5.79 -40.14 -3.86
CA ASN D 122 4.82 -39.52 -4.75
C ASN D 122 5.11 -39.90 -6.19
N PRO D 123 5.17 -41.21 -6.48
CA PRO D 123 5.57 -41.64 -7.83
C PRO D 123 4.66 -41.14 -8.93
N GLY D 124 3.44 -40.75 -8.61
CA GLY D 124 2.52 -40.30 -9.63
C GLY D 124 2.23 -38.81 -9.62
N ALA D 125 3.06 -38.03 -8.94
CA ALA D 125 2.96 -36.57 -9.04
C ALA D 125 3.81 -36.11 -10.22
N ASP D 126 3.21 -35.31 -11.10
CA ASP D 126 3.91 -34.73 -12.24
C ASP D 126 4.28 -33.30 -11.86
N GLY D 127 5.53 -33.12 -11.41
CA GLY D 127 5.97 -31.84 -10.86
C GLY D 127 5.77 -30.68 -11.83
N LYS D 128 6.14 -30.89 -13.09
CA LYS D 128 6.10 -29.79 -14.06
C LYS D 128 4.67 -29.30 -14.31
N LYS D 129 3.76 -30.22 -14.56
CA LYS D 129 2.38 -29.82 -14.75
C LYS D 129 1.82 -29.21 -13.46
N MET D 130 2.17 -29.77 -12.31
CA MET D 130 1.68 -29.21 -11.05
C MET D 130 2.09 -27.75 -10.89
N VAL D 131 3.32 -27.43 -11.31
CA VAL D 131 3.83 -26.07 -11.20
C VAL D 131 3.06 -25.15 -12.14
N ALA D 132 2.95 -25.55 -13.40
CA ALA D 132 2.22 -24.72 -14.36
C ALA D 132 0.78 -24.51 -13.92
N LEU D 133 0.16 -25.54 -13.33
CA LEU D 133 -1.24 -25.42 -12.90
C LEU D 133 -1.36 -24.54 -11.67
N LEU D 134 -0.40 -24.65 -10.73
CA LEU D 134 -0.39 -23.71 -9.63
C LEU D 134 -0.27 -22.28 -10.13
N ILE D 135 0.65 -22.04 -11.07
CA ILE D 135 0.85 -20.69 -11.57
C ILE D 135 -0.44 -20.15 -12.18
N GLU D 136 -1.06 -20.95 -13.06
CA GLU D 136 -2.31 -20.53 -13.69
C GLU D 136 -3.39 -20.22 -12.65
N TYR D 137 -3.49 -21.06 -11.62
CA TYR D 137 -4.41 -20.79 -10.52
C TYR D 137 -4.11 -19.48 -9.84
N VAL D 138 -2.82 -19.23 -9.52
CA VAL D 138 -2.46 -18.02 -8.79
C VAL D 138 -2.73 -16.78 -9.64
N CYS D 139 -2.35 -16.82 -10.91
CA CYS D 139 -2.65 -15.69 -11.81
C CYS D 139 -4.13 -15.36 -11.81
N LYS D 140 -5.00 -16.38 -11.89
CA LYS D 140 -6.45 -16.17 -11.83
C LYS D 140 -6.83 -15.50 -10.52
N ALA D 141 -6.33 -16.04 -9.41
CA ALA D 141 -6.62 -15.46 -8.10
C ALA D 141 -6.14 -14.01 -7.99
N LEU D 142 -4.96 -13.71 -8.55
CA LEU D 142 -4.47 -12.34 -8.50
C LEU D 142 -5.37 -11.41 -9.29
N GLN D 143 -5.97 -11.93 -10.36
CA GLN D 143 -6.84 -11.11 -11.20
C GLN D 143 -8.15 -10.84 -10.48
N GLU D 144 -8.81 -11.89 -9.99
CA GLU D 144 -10.13 -11.75 -9.37
C GLU D 144 -10.05 -10.93 -8.10
N LEU D 145 -9.09 -11.23 -7.23
CA LEU D 145 -9.05 -10.60 -5.93
C LEU D 145 -8.41 -9.22 -5.96
N TYR D 146 -7.45 -8.99 -6.84
CA TYR D 146 -6.71 -7.73 -6.82
C TYR D 146 -6.70 -6.97 -8.16
N GLY D 147 -7.22 -7.55 -9.24
CA GLY D 147 -7.05 -6.86 -10.50
C GLY D 147 -5.69 -6.95 -11.14
N VAL D 148 -4.77 -7.74 -10.56
CA VAL D 148 -3.44 -7.88 -11.11
C VAL D 148 -3.48 -8.89 -12.24
N ASN D 149 -2.86 -8.58 -13.37
CA ASN D 149 -2.83 -9.51 -14.49
C ASN D 149 -1.40 -9.99 -14.73
N CYS D 150 -1.20 -11.30 -14.69
CA CYS D 150 0.06 -11.87 -15.10
C CYS D 150 -0.16 -13.28 -15.60
N SER D 151 0.86 -13.78 -16.29
CA SER D 151 0.90 -15.11 -16.87
C SER D 151 2.19 -15.80 -16.41
N ALA D 152 2.39 -17.03 -16.87
CA ALA D 152 3.63 -17.72 -16.54
C ALA D 152 4.86 -16.96 -17.06
N GLU D 153 4.66 -16.05 -18.02
CA GLU D 153 5.79 -15.28 -18.55
C GLU D 153 6.41 -14.37 -17.50
N ASP D 154 5.68 -14.10 -16.42
CA ASP D 154 6.12 -13.24 -15.33
C ASP D 154 6.66 -14.02 -14.11
N VAL D 155 6.87 -15.33 -14.21
CA VAL D 155 7.25 -16.15 -13.05
C VAL D 155 8.66 -16.67 -13.27
N LEU D 156 9.63 -16.17 -12.50
CA LEU D 156 10.95 -16.78 -12.55
C LEU D 156 10.86 -18.15 -11.89
N ASN D 157 11.30 -19.19 -12.60
CA ASN D 157 11.14 -20.58 -12.17
C ASN D 157 12.52 -21.19 -11.96
N LEU D 158 12.85 -21.51 -10.70
CA LEU D 158 14.17 -21.97 -10.31
C LEU D 158 14.11 -23.41 -9.79
N ASP D 159 15.11 -24.21 -10.13
CA ASP D 159 15.09 -25.63 -9.82
C ASP D 159 16.28 -25.98 -8.93
N SER D 160 16.01 -26.82 -7.94
CA SER D 160 17.05 -27.41 -7.12
C SER D 160 16.77 -28.88 -6.81
N SER D 161 16.16 -29.60 -7.75
CA SER D 161 15.70 -30.97 -7.52
C SER D 161 16.85 -31.98 -7.42
N THR D 162 16.55 -33.11 -6.80
CA THR D 162 17.42 -34.30 -6.78
C THR D 162 16.57 -35.53 -7.15
N ASP D 163 17.21 -36.69 -7.17
CA ASP D 163 16.47 -37.94 -7.38
C ASP D 163 15.48 -38.18 -6.24
N GLU D 164 15.75 -37.64 -5.06
CA GLU D 164 14.84 -37.78 -3.93
C GLU D 164 13.80 -36.68 -3.82
N LYS D 165 14.11 -35.44 -4.24
CA LYS D 165 13.28 -34.29 -3.90
C LYS D 165 13.00 -33.48 -5.14
N PHE D 166 11.73 -33.32 -5.48
CA PHE D 166 11.33 -32.28 -6.43
C PHE D 166 11.35 -30.95 -5.69
N SER D 167 12.10 -29.99 -6.20
CA SER D 167 12.31 -28.75 -5.45
C SER D 167 12.27 -27.58 -6.42
N ARG D 168 11.36 -26.63 -6.16
CA ARG D 168 11.28 -25.42 -6.98
C ARG D 168 11.13 -24.19 -6.09
N HIS D 169 11.71 -23.08 -6.55
CA HIS D 169 11.40 -21.75 -6.07
C HIS D 169 10.81 -20.95 -7.22
N LEU D 170 9.64 -20.37 -7.01
CA LEU D 170 9.01 -19.49 -8.00
C LEU D 170 9.02 -18.09 -7.44
N ILE D 171 9.47 -17.13 -8.25
CA ILE D 171 9.49 -15.72 -7.85
C ILE D 171 8.73 -14.94 -8.92
N PHE D 172 7.59 -14.37 -8.55
CA PHE D 172 6.79 -13.63 -9.54
C PHE D 172 7.39 -12.24 -9.76
N GLN D 173 7.41 -11.81 -11.03
CA GLN D 173 7.88 -10.49 -11.41
C GLN D 173 6.66 -9.69 -11.88
N LEU D 174 5.96 -9.09 -10.93
CA LEU D 174 4.76 -8.32 -11.22
C LEU D 174 5.11 -6.86 -11.53
N HIS D 175 4.41 -6.31 -12.53
CA HIS D 175 4.66 -4.97 -13.05
C HIS D 175 4.06 -3.94 -12.10
N ASP D 176 4.91 -3.20 -11.37
CA ASP D 176 4.47 -2.14 -10.47
C ASP D 176 3.58 -2.64 -9.34
N VAL D 177 3.70 -3.92 -8.98
CA VAL D 177 2.92 -4.50 -7.88
C VAL D 177 3.86 -5.26 -6.95
N ALA D 178 3.61 -5.13 -5.65
CA ALA D 178 4.27 -5.92 -4.62
C ALA D 178 3.30 -6.15 -3.48
N PHE D 179 3.57 -7.20 -2.69
CA PHE D 179 2.87 -7.40 -1.44
C PHE D 179 3.52 -6.57 -0.34
N LYS D 180 2.69 -6.20 0.65
CA LYS D 180 3.15 -5.36 1.74
C LYS D 180 4.28 -6.02 2.55
N ASP D 181 4.27 -7.35 2.65
CA ASP D 181 4.98 -8.20 3.61
C ASP D 181 5.08 -9.60 3.05
N ASN D 182 6.12 -10.33 3.43
CA ASN D 182 5.98 -11.76 3.18
C ASN D 182 4.91 -12.38 4.07
N ILE D 183 4.55 -11.74 5.19
CA ILE D 183 3.43 -12.27 6.00
C ILE D 183 2.12 -12.14 5.24
N HIS D 184 1.88 -10.98 4.61
CA HIS D 184 0.69 -10.80 3.80
C HIS D 184 0.69 -11.75 2.62
N VAL D 185 1.87 -12.03 2.04
CA VAL D 185 1.95 -13.05 1.01
C VAL D 185 1.37 -14.34 1.54
N GLY D 186 1.77 -14.74 2.75
CA GLY D 186 1.30 -15.98 3.31
C GLY D 186 -0.20 -15.96 3.59
N ASN D 187 -0.73 -14.82 4.03
CA ASN D 187 -2.18 -14.73 4.23
C ASN D 187 -2.92 -14.91 2.91
N PHE D 188 -2.39 -14.31 1.84
CA PHE D 188 -3.01 -14.50 0.52
C PHE D 188 -3.04 -15.98 0.16
N LEU D 189 -1.92 -16.67 0.33
CA LEU D 189 -1.85 -18.07 -0.09
C LEU D 189 -2.77 -18.94 0.75
N ARG D 190 -2.81 -18.71 2.06
CA ARG D 190 -3.72 -19.54 2.86
C ARG D 190 -5.17 -19.25 2.49
N LYS D 191 -5.50 -17.99 2.21
CA LYS D 191 -6.84 -17.66 1.75
C LYS D 191 -7.17 -18.41 0.44
N ILE D 192 -6.31 -18.30 -0.58
CA ILE D 192 -6.70 -18.89 -1.86
C ILE D 192 -6.41 -20.38 -1.97
N LEU D 193 -5.62 -20.94 -1.06
CA LEU D 193 -5.41 -22.38 -1.06
C LEU D 193 -6.29 -23.09 -0.05
N GLN D 194 -7.14 -22.37 0.67
CA GLN D 194 -7.99 -23.01 1.66
C GLN D 194 -8.76 -24.22 1.12
N PRO D 195 -9.32 -24.22 -0.11
CA PRO D 195 -9.96 -25.45 -0.61
C PRO D 195 -9.06 -26.69 -0.57
N ALA D 196 -7.77 -26.53 -0.91
CA ALA D 196 -6.87 -27.68 -0.83
C ALA D 196 -6.53 -28.02 0.61
N LEU D 197 -6.45 -27.01 1.49
CA LEU D 197 -6.17 -27.31 2.88
C LEU D 197 -7.29 -28.09 3.51
N ASP D 198 -8.53 -27.90 3.02
CA ASP D 198 -9.64 -28.70 3.50
C ASP D 198 -9.56 -30.16 3.08
N LEU D 199 -8.72 -30.51 2.10
CA LEU D 199 -8.56 -31.91 1.72
C LEU D 199 -7.53 -32.65 2.56
N LEU D 200 -7.01 -32.03 3.62
CA LEU D 200 -5.97 -32.69 4.40
C LEU D 200 -6.58 -33.45 5.59
N PRO D 261 -11.46 -24.99 -5.64
CA PRO D 261 -12.28 -26.20 -5.74
C PRO D 261 -11.55 -27.28 -6.51
N ASP D 262 -11.44 -28.46 -5.90
CA ASP D 262 -10.43 -29.44 -6.27
C ASP D 262 -9.18 -28.71 -6.73
N LEU D 263 -8.51 -28.08 -5.78
CA LEU D 263 -7.07 -27.94 -5.87
C LEU D 263 -6.38 -29.24 -5.51
N SER D 264 -7.00 -30.38 -5.85
CA SER D 264 -6.50 -31.69 -5.49
C SER D 264 -5.11 -31.95 -6.03
N PHE D 265 -4.78 -31.37 -7.19
CA PHE D 265 -3.47 -31.59 -7.78
C PHE D 265 -2.34 -31.12 -6.89
N LEU D 266 -2.63 -30.38 -5.82
CA LEU D 266 -1.61 -29.85 -4.92
C LEU D 266 -1.30 -30.78 -3.75
N VAL D 267 -2.15 -31.77 -3.50
CA VAL D 267 -1.98 -32.67 -2.36
C VAL D 267 -0.86 -33.66 -2.67
N VAL D 268 0.12 -33.75 -1.77
CA VAL D 268 1.14 -34.79 -1.87
C VAL D 268 1.28 -35.48 -0.51
N LYS D 269 1.95 -36.63 -0.52
CA LYS D 269 2.24 -37.38 0.71
C LYS D 269 3.71 -37.21 1.07
N ASN D 270 3.99 -37.01 2.36
CA ASN D 270 5.38 -37.02 2.81
C ASN D 270 5.79 -38.46 3.16
N ASN D 271 6.99 -38.64 3.70
CA ASN D 271 7.48 -39.99 3.97
C ASN D 271 6.67 -40.68 5.06
N MET D 272 6.09 -39.90 5.97
CA MET D 272 5.24 -40.44 7.02
C MET D 272 3.85 -40.80 6.53
N GLY D 273 3.58 -40.69 5.24
CA GLY D 273 2.26 -40.99 4.73
C GLY D 273 1.16 -40.00 5.08
N GLU D 274 1.50 -38.80 5.55
CA GLU D 274 0.47 -37.80 5.81
C GLU D 274 0.38 -36.80 4.66
N LYS D 275 -0.84 -36.38 4.35
CA LYS D 275 -1.07 -35.50 3.23
C LYS D 275 -0.62 -34.08 3.55
N HIS D 276 -0.09 -33.39 2.55
CA HIS D 276 0.20 -31.97 2.69
C HIS D 276 0.19 -31.36 1.29
N LEU D 277 0.44 -30.05 1.24
CA LEU D 277 0.46 -29.37 -0.06
C LEU D 277 1.86 -29.31 -0.62
N PHE D 278 1.92 -29.46 -1.93
CA PHE D 278 3.03 -29.13 -2.80
C PHE D 278 3.65 -27.78 -2.45
N VAL D 279 2.80 -26.82 -2.04
CA VAL D 279 3.20 -25.48 -1.64
C VAL D 279 3.59 -25.51 -0.17
N ASP D 280 4.83 -25.13 0.13
CA ASP D 280 5.37 -25.06 1.49
C ASP D 280 4.91 -23.74 2.12
N LEU D 281 3.88 -23.81 2.95
CA LEU D 281 3.37 -22.61 3.59
C LEU D 281 4.19 -22.20 4.80
N GLY D 282 5.31 -22.86 5.06
CA GLY D 282 6.08 -22.51 6.22
C GLY D 282 7.13 -21.44 6.03
N VAL D 283 7.15 -20.74 4.89
CA VAL D 283 8.23 -19.80 4.60
C VAL D 283 7.77 -18.36 4.59
N TYR D 284 6.57 -18.08 5.10
CA TYR D 284 6.07 -16.71 5.18
C TYR D 284 6.13 -16.26 6.64
N THR D 285 7.36 -16.15 7.12
CA THR D 285 7.67 -15.86 8.51
C THR D 285 8.60 -14.67 8.54
N ARG D 286 8.64 -13.99 9.68
CA ARG D 286 9.39 -12.74 9.76
C ARG D 286 10.88 -13.03 9.62
N ASN D 287 11.54 -12.29 8.74
CA ASN D 287 12.97 -12.42 8.50
C ASN D 287 13.35 -13.82 8.04
N ARG D 288 12.49 -14.41 7.23
CA ARG D 288 12.75 -15.69 6.62
C ARG D 288 13.93 -15.64 5.65
N ASN D 289 14.86 -16.55 5.86
CA ASN D 289 15.93 -16.83 4.92
C ASN D 289 15.37 -17.48 3.67
N PHE D 290 15.95 -17.18 2.51
CA PHE D 290 15.49 -17.82 1.28
C PHE D 290 16.69 -18.04 0.36
N ARG D 291 17.07 -19.30 0.17
CA ARG D 291 18.32 -19.65 -0.50
C ARG D 291 18.50 -18.90 -1.82
N LEU D 292 19.68 -18.32 -1.99
CA LEU D 292 19.96 -17.52 -3.16
C LEU D 292 20.06 -18.37 -4.41
N TYR D 293 19.77 -17.71 -5.53
CA TYR D 293 20.06 -18.18 -6.86
C TYR D 293 21.52 -18.61 -6.97
N LYS D 294 21.75 -19.79 -7.56
CA LYS D 294 23.07 -20.38 -7.74
C LYS D 294 23.74 -20.74 -6.43
N SER D 295 22.99 -20.88 -5.35
CA SER D 295 23.54 -21.30 -4.06
C SER D 295 22.98 -22.66 -3.66
N SER D 296 23.78 -23.42 -2.91
CA SER D 296 23.38 -24.72 -2.41
C SER D 296 23.34 -24.72 -0.88
N LYS D 297 22.52 -25.61 -0.30
CA LYS D 297 22.65 -25.84 1.14
C LYS D 297 24.04 -26.38 1.45
N ILE D 298 24.50 -26.12 2.67
CA ILE D 298 25.93 -26.26 2.95
C ILE D 298 26.37 -27.72 2.87
N GLY D 299 25.60 -28.64 3.42
CA GLY D 299 26.16 -29.97 3.24
C GLY D 299 25.98 -30.57 1.87
N LYS D 300 25.40 -29.83 0.92
CA LYS D 300 24.93 -30.43 -0.33
C LYS D 300 25.62 -29.80 -1.54
N ARG D 301 25.26 -30.32 -2.71
CA ARG D 301 25.87 -29.90 -3.97
C ARG D 301 24.87 -29.30 -4.95
N VAL D 302 23.57 -29.30 -4.64
CA VAL D 302 22.54 -28.86 -5.59
C VAL D 302 22.28 -27.37 -5.40
N ALA D 303 22.58 -26.59 -6.43
CA ALA D 303 22.39 -25.14 -6.44
C ALA D 303 21.12 -24.77 -7.19
N LEU D 304 20.47 -23.71 -6.75
CA LEU D 304 19.30 -23.20 -7.45
C LEU D 304 19.72 -22.67 -8.81
N GLU D 305 19.10 -23.19 -9.86
CA GLU D 305 19.38 -22.79 -11.23
C GLU D 305 18.07 -22.53 -11.96
N VAL D 306 18.13 -21.78 -13.05
CA VAL D 306 16.92 -21.51 -13.82
C VAL D 306 16.40 -22.82 -14.43
N THR D 307 15.16 -23.18 -14.10
CA THR D 307 14.51 -24.35 -14.68
C THR D 307 14.47 -24.25 -16.20
N GLU D 308 14.43 -25.40 -16.86
CA GLU D 308 14.48 -25.42 -18.33
C GLU D 308 13.18 -24.94 -18.94
N ASP D 309 12.07 -25.07 -18.22
CA ASP D 309 10.78 -24.59 -18.73
C ASP D 309 10.44 -23.20 -18.19
N ASN D 310 11.41 -22.48 -17.65
CA ASN D 310 11.20 -21.13 -17.20
C ASN D 310 10.80 -20.25 -18.36
N LYS D 311 9.90 -19.31 -18.12
CA LYS D 311 9.43 -18.43 -19.18
C LYS D 311 9.57 -16.96 -18.85
N PHE D 312 10.15 -16.61 -17.70
CA PHE D 312 10.51 -15.22 -17.43
C PHE D 312 11.89 -14.91 -18.00
N PHE D 313 11.95 -13.88 -18.83
CA PHE D 313 13.19 -13.43 -19.44
C PHE D 313 13.37 -11.96 -19.14
N PRO D 314 14.37 -11.57 -18.35
CA PRO D 314 14.64 -10.17 -18.12
C PRO D 314 14.94 -9.45 -19.43
N ILE D 315 14.70 -8.14 -19.43
CA ILE D 315 15.10 -7.33 -20.57
C ILE D 315 16.62 -7.22 -20.57
N GLN D 316 17.24 -7.54 -21.70
CA GLN D 316 18.69 -7.42 -21.79
C GLN D 316 19.09 -5.95 -21.79
N SER D 317 20.20 -5.64 -21.12
CA SER D 317 20.81 -4.33 -21.27
C SER D 317 22.32 -4.49 -21.33
N LYS D 318 22.99 -3.50 -21.94
CA LYS D 318 24.44 -3.54 -22.10
C LYS D 318 25.19 -3.25 -20.81
N ASP D 319 24.51 -2.75 -19.77
CA ASP D 319 25.17 -2.28 -18.57
C ASP D 319 25.34 -3.36 -17.51
N VAL D 320 24.66 -4.50 -17.65
CA VAL D 320 24.71 -5.56 -16.65
C VAL D 320 24.70 -6.89 -17.37
N SER D 321 25.21 -7.92 -16.71
CA SER D 321 25.16 -9.22 -17.34
C SER D 321 23.76 -9.81 -17.21
N ASP D 322 23.47 -10.75 -18.11
CA ASP D 322 22.22 -11.50 -17.98
C ASP D 322 22.12 -12.19 -16.63
N GLU D 323 23.18 -12.89 -16.21
CA GLU D 323 23.13 -13.59 -14.91
C GLU D 323 22.80 -12.63 -13.78
N TYR D 324 23.39 -11.43 -13.81
CA TYR D 324 23.08 -10.47 -12.75
C TYR D 324 21.60 -10.09 -12.78
N GLN D 325 21.01 -10.01 -13.97
CA GLN D 325 19.59 -9.69 -14.10
C GLN D 325 18.73 -10.80 -13.53
N TYR D 326 19.14 -12.06 -13.71
CA TYR D 326 18.41 -13.16 -13.10
C TYR D 326 18.52 -13.13 -11.58
N PHE D 327 19.71 -12.76 -11.07
CA PHE D 327 19.90 -12.61 -9.63
C PHE D 327 19.00 -11.51 -9.07
N LEU D 328 18.96 -10.34 -9.71
CA LEU D 328 18.06 -9.29 -9.26
C LEU D 328 16.61 -9.76 -9.29
N SER D 329 16.21 -10.46 -10.35
CA SER D 329 14.85 -10.98 -10.41
C SER D 329 14.55 -11.97 -9.29
N SER D 330 15.53 -12.79 -8.91
CA SER D 330 15.29 -13.85 -7.93
C SER D 330 15.17 -13.32 -6.52
N LEU D 331 15.68 -12.11 -6.27
CA LEU D 331 15.65 -11.55 -4.93
C LEU D 331 14.21 -11.16 -4.57
N VAL D 332 13.65 -11.87 -3.59
CA VAL D 332 12.26 -11.68 -3.18
C VAL D 332 12.04 -10.25 -2.71
N SER D 333 13.03 -9.69 -2.05
CA SER D 333 12.91 -8.41 -1.39
C SER D 333 13.34 -7.24 -2.27
N ASN D 334 13.82 -7.50 -3.50
CA ASN D 334 14.25 -6.47 -4.44
C ASN D 334 13.07 -5.95 -5.27
N VAL D 335 12.24 -5.11 -4.66
CA VAL D 335 11.05 -4.62 -5.35
C VAL D 335 11.46 -3.42 -6.20
N ARG D 336 11.30 -3.55 -7.52
CA ARG D 336 11.79 -2.51 -8.42
C ARG D 336 11.13 -1.18 -8.14
N PHE D 337 11.93 -0.12 -8.03
CA PHE D 337 11.37 1.22 -7.85
C PHE D 337 10.38 1.53 -8.98
N SER D 338 9.20 1.97 -8.59
CA SER D 338 8.20 2.43 -9.54
C SER D 338 7.55 3.66 -8.94
N ASP D 339 7.39 4.70 -9.75
CA ASP D 339 6.67 5.86 -9.23
C ASP D 339 5.18 5.62 -9.12
N THR D 340 4.71 4.40 -9.38
CA THR D 340 3.29 4.08 -9.43
C THR D 340 3.00 2.70 -8.79
N LEU D 341 3.72 2.36 -7.72
CA LEU D 341 3.63 1.02 -7.15
C LEU D 341 2.27 0.79 -6.49
N ARG D 342 1.67 -0.37 -6.76
CA ARG D 342 0.53 -0.87 -6.00
C ARG D 342 1.00 -1.91 -4.97
N ILE D 343 0.51 -1.78 -3.74
CA ILE D 343 0.88 -2.67 -2.65
C ILE D 343 -0.32 -3.51 -2.25
N LEU D 344 -0.21 -4.84 -2.44
CA LEU D 344 -1.27 -5.77 -2.09
C LEU D 344 -1.15 -6.14 -0.63
N THR D 345 -2.27 -6.06 0.09
CA THR D 345 -2.39 -6.50 1.45
C THR D 345 -3.38 -7.66 1.51
N CYS D 346 -3.28 -8.45 2.57
CA CYS D 346 -4.23 -9.54 2.81
C CYS D 346 -4.30 -9.75 4.31
N GLU D 347 -5.41 -9.50 4.87
CA GLU D 347 -5.49 -9.70 6.31
C GLU D 347 -5.93 -11.12 6.64
N PRO D 348 -5.40 -11.69 7.74
CA PRO D 348 -5.56 -13.12 8.09
C PRO D 348 -6.93 -13.73 7.88
N1 5IU E 7 5.44 -23.46 16.72
C2 5IU E 7 6.39 -24.36 17.24
N3 5IU E 7 7.18 -24.02 18.26
C4 5IU E 7 7.11 -22.80 18.82
C5 5IU E 7 6.12 -21.82 18.30
C6 5IU E 7 5.31 -22.23 17.23
O2 5IU E 7 6.48 -25.50 16.73
O4 5IU E 7 7.87 -22.51 19.78
I5 5IU E 7 5.96 -19.89 19.14
C1' 5IU E 7 4.62 -23.91 15.58
C2' 5IU E 7 3.13 -23.66 15.71
C3' 5IU E 7 2.68 -23.47 14.27
C4' 5IU E 7 3.90 -22.97 13.52
O3' 5IU E 7 2.30 -24.72 13.70
O4' 5IU E 7 5.02 -23.20 14.38
C5' 5IU E 7 3.75 -21.49 13.26
O5' 5IU E 7 3.43 -20.90 14.51
P 5IU E 7 3.34 -19.30 14.66
OP1 5IU E 7 2.07 -18.81 14.01
OP2 5IU E 7 3.42 -18.87 16.10
P DDG F 13 8.56 -28.63 7.35
OP1 DDG F 13 7.51 -29.32 6.49
OP2 DDG F 13 9.93 -29.18 6.98
O5' DDG F 13 8.46 -27.08 6.92
C5' DDG F 13 9.06 -26.07 7.70
C4' DDG F 13 9.67 -25.02 6.83
O4' DDG F 13 10.64 -24.38 7.65
C3' DDG F 13 10.43 -25.63 5.66
C2' DDG F 13 11.91 -25.40 5.90
C1' DDG F 13 11.94 -24.44 7.08
N9 DDG F 13 12.83 -24.87 8.18
C8 DDG F 13 13.31 -26.08 8.49
N7 DDG F 13 14.11 -26.04 9.60
C5 DDG F 13 14.13 -24.74 10.01
C6 DDG F 13 14.76 -23.95 11.09
O6 DDG F 13 15.48 -24.49 11.95
N1 DDG F 13 14.51 -22.64 11.14
C2 DDG F 13 13.73 -22.02 10.25
N2 DDG F 13 13.53 -20.68 10.36
N3 DDG F 13 13.14 -22.67 9.24
C4 DDG F 13 13.29 -24.00 9.07
PG DTP G . -14.78 26.67 0.92
O1G DTP G . -14.66 28.03 1.52
O2G DTP G . -13.86 26.42 -0.25
O3G DTP G . -16.16 26.23 0.50
PB DTP G . -13.25 24.73 2.34
O1B DTP G . -13.67 23.80 3.46
O2B DTP G . -13.07 24.05 1.02
O3B DTP G . -14.46 25.79 2.21
PA DTP G . -10.72 25.95 1.99
O1A DTP G . -10.29 27.33 2.32
O2A DTP G . -11.12 25.77 0.55
O3A DTP G . -11.99 25.57 2.89
O5' DTP G . -9.56 24.93 2.46
C5' DTP G . -9.72 23.54 2.38
C4' DTP G . -9.38 22.91 3.74
O4' DTP G . -8.10 23.32 4.24
C3' DTP G . -10.37 23.33 4.80
O3' DTP G . -11.54 22.49 4.78
C2' DTP G . -9.59 23.18 6.08
C1' DTP G . -8.15 23.47 5.65
N9 DTP G . -7.87 24.85 6.10
C8 DTP G . -8.27 25.99 5.51
N7 DTP G . -7.87 27.07 6.21
C5 DTP G . -7.19 26.61 7.29
C6 DTP G . -6.51 27.20 8.44
N6 DTP G . -6.46 28.56 8.57
N1 DTP G . -5.93 26.37 9.33
C2 DTP G . -5.97 25.04 9.20
N3 DTP G . -6.59 24.43 8.17
C4 DTP G . -7.19 25.15 7.21
CA CA H . -12.36 24.73 -1.01
PG DTP I . 15.30 -27.59 -0.72
O1G DTP I . 15.99 -28.66 0.11
O2G DTP I . 13.83 -27.65 -0.39
O3G DTP I . 15.46 -27.92 -2.17
PB DTP I . 15.34 -24.88 0.20
O1B DTP I . 16.22 -23.69 0.04
O2B DTP I . 14.01 -24.67 -0.41
O3B DTP I . 16.00 -26.16 -0.52
PA DTP I . 14.01 -25.50 2.69
O1A DTP I . 14.41 -26.46 3.78
O2A DTP I . 12.90 -26.05 1.83
O3A DTP I . 15.29 -25.18 1.79
O5' DTP I . 13.53 -24.13 3.34
C5' DTP I . 13.20 -23.02 2.53
C4' DTP I . 14.00 -21.84 3.06
O4' DTP I . 13.86 -21.86 4.46
C3' DTP I . 15.48 -22.00 2.90
O3' DTP I . 15.93 -21.65 1.59
C2' DTP I . 15.99 -21.09 3.98
C1' DTP I . 14.96 -21.24 5.09
N9 DTP I . 15.56 -22.14 6.10
C8 DTP I . 15.66 -23.48 5.96
N7 DTP I . 16.30 -24.04 7.02
C5 DTP I . 16.62 -23.06 7.87
C6 DTP I . 17.32 -22.97 9.18
N6 DTP I . 17.79 -24.09 9.80
N1 DTP I . 17.47 -21.76 9.74
C2 DTP I . 16.99 -20.64 9.14
N3 DTP I . 16.36 -20.66 7.94
C4 DTP I . 16.14 -21.81 7.26
CA CA J . 12.18 -26.06 -0.16
#